data_3CUO
#
_entry.id   3CUO
#
_cell.length_a   39.994
_cell.length_b   39.632
_cell.length_c   56.279
_cell.angle_alpha   95.93
_cell.angle_beta   95.78
_cell.angle_gamma   97.41
#
_symmetry.space_group_name_H-M   'P 1'
#
loop_
_entity.id
_entity.type
_entity.pdbx_description
1 polymer 'Uncharacterized HTH-type transcriptional regulator ygaV'
2 water water
#
_entity_poly.entity_id   1
_entity_poly.type   'polypeptide(L)'
_entity_poly.pdbx_seq_one_letter_code
;MTELAQLQASAEQAAALLKAMSHPKRLLILCMLSGSPGTSAGELTRITGLSASATSQHLARMRDEGLIDSQRDAQRILYS
IKNEAVNAIIATLKNVYCP
;
_entity_poly.pdbx_strand_id   A,B,C,D
#
# COMPACT_ATOMS: atom_id res chain seq x y z
N MET A 1 -12.80 -34.38 -0.69
CA MET A 1 -14.21 -34.74 -1.17
C MET A 1 -15.30 -33.89 -0.46
N THR A 2 -15.18 -33.72 0.85
CA THR A 2 -16.03 -32.80 1.59
C THR A 2 -15.82 -31.37 1.17
N GLU A 3 -14.55 -30.96 0.97
CA GLU A 3 -14.30 -29.61 0.52
C GLU A 3 -14.92 -29.42 -0.84
N LEU A 4 -14.77 -30.45 -1.68
CA LEU A 4 -15.31 -30.39 -3.02
C LEU A 4 -16.83 -30.24 -2.96
N ALA A 5 -17.48 -31.05 -2.11
CA ALA A 5 -18.94 -31.03 -2.01
C ALA A 5 -19.47 -29.67 -1.45
N GLN A 6 -18.72 -29.03 -0.57
CA GLN A 6 -19.22 -27.77 0.00
C GLN A 6 -19.04 -26.62 -0.96
N LEU A 7 -17.97 -26.64 -1.75
CA LEU A 7 -17.65 -25.50 -2.52
C LEU A 7 -17.97 -25.62 -3.98
N GLN A 8 -18.24 -26.80 -4.49
CA GLN A 8 -18.27 -26.91 -5.94
C GLN A 8 -19.35 -26.09 -6.60
N ALA A 9 -20.52 -26.02 -5.98
CA ALA A 9 -21.61 -25.18 -6.52
C ALA A 9 -21.27 -23.70 -6.49
N SER A 10 -20.21 -23.31 -5.79
CA SER A 10 -19.77 -21.91 -5.61
C SER A 10 -18.47 -21.58 -6.30
N ALA A 11 -17.93 -22.57 -7.01
CA ALA A 11 -16.55 -22.48 -7.51
C ALA A 11 -16.43 -21.39 -8.57
N GLU A 12 -17.51 -21.11 -9.30
CA GLU A 12 -17.43 -20.13 -10.35
C GLU A 12 -17.45 -18.73 -9.71
N GLN A 13 -18.25 -18.55 -8.67
CA GLN A 13 -18.24 -17.29 -8.00
C GLN A 13 -16.98 -17.09 -7.14
N ALA A 14 -16.55 -18.14 -6.45
CA ALA A 14 -15.31 -18.14 -5.72
C ALA A 14 -14.11 -17.74 -6.63
N ALA A 15 -13.95 -18.37 -7.80
CA ALA A 15 -12.92 -18.05 -8.76
C ALA A 15 -12.93 -16.61 -9.25
N ALA A 16 -14.13 -16.12 -9.51
CA ALA A 16 -14.38 -14.75 -9.88
C ALA A 16 -13.95 -13.74 -8.80
N LEU A 17 -14.30 -14.02 -7.55
CA LEU A 17 -13.84 -13.22 -6.44
C LEU A 17 -12.31 -13.19 -6.37
N LEU A 18 -11.65 -14.35 -6.46
CA LEU A 18 -10.22 -14.40 -6.38
C LEU A 18 -9.62 -13.67 -7.58
N LYS A 19 -10.21 -13.83 -8.72
CA LYS A 19 -9.66 -13.16 -9.91
C LYS A 19 -9.73 -11.64 -9.80
N ALA A 20 -10.85 -11.11 -9.24
CA ALA A 20 -10.96 -9.68 -9.04
C ALA A 20 -9.96 -9.10 -8.04
N MET A 21 -9.53 -9.90 -7.08
CA MET A 21 -8.60 -9.46 -6.08
C MET A 21 -7.15 -9.73 -6.53
N SER A 22 -6.93 -10.43 -7.64
CA SER A 22 -5.58 -10.95 -7.99
C SER A 22 -4.61 -9.99 -8.66
N HIS A 23 -4.59 -8.74 -8.19
CA HIS A 23 -3.68 -7.69 -8.66
C HIS A 23 -3.09 -7.07 -7.42
N PRO A 24 -1.74 -6.87 -7.39
CA PRO A 24 -1.16 -6.38 -6.17
C PRO A 24 -1.70 -5.02 -5.70
N LYS A 25 -1.92 -4.11 -6.62
CA LYS A 25 -2.38 -2.77 -6.29
C LYS A 25 -3.85 -2.81 -5.84
N ARG A 26 -4.63 -3.72 -6.41
CA ARG A 26 -5.97 -3.98 -5.90
C ARG A 26 -5.95 -4.50 -4.46
N LEU A 27 -4.97 -5.33 -4.10
CA LEU A 27 -4.85 -5.75 -2.71
C LEU A 27 -4.51 -4.62 -1.79
N LEU A 28 -3.59 -3.76 -2.19
CA LEU A 28 -3.26 -2.57 -1.36
C LEU A 28 -4.47 -1.70 -1.17
N ILE A 29 -5.23 -1.53 -2.24
CA ILE A 29 -6.50 -0.73 -2.18
C ILE A 29 -7.45 -1.30 -1.15
N LEU A 30 -7.72 -2.58 -1.29
CA LEU A 30 -8.61 -3.32 -0.35
C LEU A 30 -8.08 -3.31 1.06
N CYS A 31 -6.75 -3.41 1.25
CA CYS A 31 -6.17 -3.22 2.59
C CYS A 31 -6.41 -1.84 3.14
N MET A 32 -6.11 -0.80 2.33
CA MET A 32 -6.40 0.57 2.74
C MET A 32 -7.86 0.79 3.06
N LEU A 33 -8.74 0.17 2.27
CA LEU A 33 -10.15 0.38 2.54
C LEU A 33 -10.62 -0.34 3.78
N SER A 34 -9.97 -1.42 4.21
CA SER A 34 -10.43 -2.14 5.41
C SER A 34 -10.55 -1.21 6.60
N GLY A 35 -11.73 -1.21 7.20
CA GLY A 35 -11.99 -0.37 8.36
C GLY A 35 -12.24 1.08 8.04
N SER A 36 -12.00 1.48 6.80
CA SER A 36 -11.85 2.91 6.49
C SER A 36 -12.70 3.28 5.34
N PRO A 37 -14.00 3.21 5.56
CA PRO A 37 -14.95 3.38 4.50
C PRO A 37 -14.96 4.86 4.14
N GLY A 38 -15.39 5.15 2.93
CA GLY A 38 -15.44 6.47 2.47
C GLY A 38 -14.05 6.98 2.22
N THR A 39 -13.26 6.24 1.49
CA THR A 39 -11.94 6.74 1.10
C THR A 39 -11.96 7.16 -0.36
N SER A 40 -11.37 8.30 -0.63
CA SER A 40 -11.30 8.84 -1.99
C SER A 40 -10.27 8.20 -2.93
N ALA A 41 -10.53 8.30 -4.23
CA ALA A 41 -9.56 7.88 -5.25
C ALA A 41 -8.17 8.51 -5.14
N GLY A 42 -8.10 9.81 -4.89
CA GLY A 42 -6.82 10.48 -4.72
C GLY A 42 -5.95 9.93 -3.60
N GLU A 43 -6.54 9.57 -2.46
CA GLU A 43 -5.74 8.93 -1.38
C GLU A 43 -5.24 7.54 -1.85
N LEU A 44 -6.07 6.83 -2.57
CA LEU A 44 -5.73 5.45 -3.01
C LEU A 44 -4.66 5.53 -4.11
N THR A 45 -4.79 6.56 -4.94
CA THR A 45 -3.81 6.83 -5.98
C THR A 45 -2.50 7.01 -5.32
N ARG A 46 -2.48 7.79 -4.27
CA ARG A 46 -1.23 8.06 -3.60
C ARG A 46 -0.58 6.84 -2.98
N ILE A 47 -1.36 5.82 -2.61
CA ILE A 47 -0.80 4.66 -1.92
C ILE A 47 -0.51 3.46 -2.84
N THR A 48 -1.18 3.38 -4.00
CA THR A 48 -0.87 2.38 -5.00
C THR A 48 0.35 2.74 -5.84
N GLY A 49 0.70 4.02 -5.87
CA GLY A 49 1.72 4.53 -6.80
C GLY A 49 1.22 4.58 -8.25
N LEU A 50 -0.04 4.28 -8.48
CA LEU A 50 -0.62 4.36 -9.83
C LEU A 50 -1.12 5.71 -10.16
N SER A 51 -1.42 5.90 -11.45
CA SER A 51 -1.95 7.14 -11.99
C SER A 51 -3.38 7.27 -11.44
N ALA A 52 -3.92 8.47 -11.46
CA ALA A 52 -5.23 8.71 -10.94
C ALA A 52 -6.22 7.95 -11.75
N SER A 53 -6.02 7.98 -13.07
CA SER A 53 -6.93 7.29 -13.96
C SER A 53 -6.91 5.77 -13.76
N ALA A 54 -5.73 5.17 -13.60
CA ALA A 54 -5.54 3.75 -13.42
C ALA A 54 -6.21 3.29 -12.12
N THR A 55 -6.08 4.09 -11.06
CA THR A 55 -6.73 3.81 -9.80
C THR A 55 -8.22 3.78 -9.94
N SER A 56 -8.76 4.80 -10.61
CA SER A 56 -10.21 4.88 -10.78
C SER A 56 -10.75 3.74 -11.63
N GLN A 57 -9.96 3.27 -12.60
CA GLN A 57 -10.37 2.10 -13.41
C GLN A 57 -10.40 0.85 -12.59
N HIS A 58 -9.37 0.60 -11.78
CA HIS A 58 -9.37 -0.55 -10.86
C HIS A 58 -10.62 -0.43 -9.95
N LEU A 59 -10.84 0.72 -9.35
CA LEU A 59 -12.03 0.91 -8.49
C LEU A 59 -13.37 0.59 -9.16
N ALA A 60 -13.57 1.09 -10.38
CA ALA A 60 -14.81 0.87 -11.16
C ALA A 60 -14.99 -0.57 -11.46
N ARG A 61 -13.89 -1.24 -11.82
CA ARG A 61 -13.98 -2.66 -12.06
C ARG A 61 -14.26 -3.45 -10.78
N MET A 62 -13.62 -3.13 -9.66
CA MET A 62 -13.91 -3.85 -8.43
C MET A 62 -15.36 -3.62 -7.95
N ARG A 63 -15.90 -2.44 -8.19
CA ARG A 63 -17.32 -2.13 -7.84
C ARG A 63 -18.24 -3.01 -8.67
N ASP A 64 -17.98 -3.02 -9.97
CA ASP A 64 -18.68 -3.91 -10.91
C ASP A 64 -18.59 -5.37 -10.56
N GLU A 65 -17.51 -5.79 -9.94
CA GLU A 65 -17.35 -7.16 -9.48
C GLU A 65 -17.91 -7.44 -8.05
N GLY A 66 -18.43 -6.41 -7.39
CA GLY A 66 -19.17 -6.58 -6.14
C GLY A 66 -18.34 -6.44 -4.92
N LEU A 67 -17.04 -6.11 -5.10
CA LEU A 67 -16.11 -6.05 -4.00
C LEU A 67 -16.27 -4.78 -3.16
N ILE A 68 -16.54 -3.66 -3.82
CA ILE A 68 -16.54 -2.35 -3.14
C ILE A 68 -17.79 -1.63 -3.58
N ASP A 69 -18.23 -0.66 -2.80
CA ASP A 69 -19.18 0.26 -3.32
C ASP A 69 -18.74 1.69 -3.19
N SER A 70 -19.55 2.60 -3.71
CA SER A 70 -19.16 3.98 -3.81
C SER A 70 -20.29 4.90 -3.38
N GLN A 71 -19.89 6.07 -2.85
CA GLN A 71 -20.81 7.14 -2.51
C GLN A 71 -20.38 8.41 -3.18
N ARG A 72 -21.29 9.07 -3.89
CA ARG A 72 -20.99 10.22 -4.73
C ARG A 72 -21.82 11.45 -4.34
N ASP A 73 -21.16 12.57 -4.33
CA ASP A 73 -21.85 13.88 -4.16
C ASP A 73 -21.30 14.84 -5.22
N ALA A 74 -21.58 16.12 -5.10
CA ALA A 74 -21.13 17.09 -6.11
C ALA A 74 -19.63 17.18 -6.19
N GLN A 75 -18.92 16.84 -5.11
CA GLN A 75 -17.52 17.10 -5.03
C GLN A 75 -16.63 15.89 -5.26
N ARG A 76 -17.03 14.71 -4.77
CA ARG A 76 -16.16 13.55 -4.73
C ARG A 76 -16.96 12.24 -4.71
N ILE A 77 -16.24 11.17 -5.03
CA ILE A 77 -16.68 9.79 -4.87
C ILE A 77 -15.75 9.17 -3.86
N LEU A 78 -16.36 8.45 -2.94
CA LEU A 78 -15.68 7.73 -1.89
C LEU A 78 -16.05 6.25 -1.98
N TYR A 79 -15.10 5.38 -1.62
CA TYR A 79 -15.19 4.00 -1.78
C TYR A 79 -15.07 3.29 -0.42
N SER A 80 -15.75 2.16 -0.31
CA SER A 80 -15.73 1.31 0.88
C SER A 80 -15.85 -0.18 0.47
N ILE A 81 -15.39 -1.08 1.34
CA ILE A 81 -15.58 -2.50 1.11
C ILE A 81 -17.01 -2.83 1.27
N LYS A 82 -17.57 -3.54 0.28
CA LYS A 82 -18.93 -4.03 0.26
C LYS A 82 -19.00 -5.52 0.64
N ASN A 83 -18.22 -6.36 -0.03
CA ASN A 83 -18.28 -7.82 0.15
C ASN A 83 -17.42 -8.21 1.35
N GLU A 84 -18.03 -8.76 2.38
CA GLU A 84 -17.25 -9.11 3.55
C GLU A 84 -16.30 -10.26 3.30
N ALA A 85 -16.55 -11.12 2.30
CA ALA A 85 -15.60 -12.10 1.83
C ALA A 85 -14.20 -11.52 1.56
N VAL A 86 -14.17 -10.23 1.20
CA VAL A 86 -12.93 -9.51 0.94
C VAL A 86 -12.17 -9.41 2.22
N ASN A 87 -12.86 -8.98 3.26
CA ASN A 87 -12.23 -8.86 4.56
C ASN A 87 -11.71 -10.22 5.05
N ALA A 88 -12.47 -11.27 4.77
CA ALA A 88 -12.05 -12.67 5.11
C ALA A 88 -10.78 -13.08 4.41
N ILE A 89 -10.68 -12.77 3.11
CA ILE A 89 -9.52 -13.16 2.35
C ILE A 89 -8.32 -12.34 2.75
N ILE A 90 -8.51 -11.03 2.86
CA ILE A 90 -7.47 -10.18 3.40
C ILE A 90 -6.88 -10.65 4.73
N ALA A 91 -7.74 -11.01 5.66
CA ALA A 91 -7.32 -11.47 6.96
C ALA A 91 -6.55 -12.81 6.85
N THR A 92 -6.99 -13.71 5.97
CA THR A 92 -6.19 -14.93 5.74
C THR A 92 -4.84 -14.60 5.10
N LEU A 93 -4.81 -13.67 4.14
CA LEU A 93 -3.55 -13.33 3.50
C LEU A 93 -2.57 -12.77 4.55
N LYS A 94 -3.06 -11.88 5.40
CA LYS A 94 -2.31 -11.45 6.57
C LYS A 94 -1.71 -12.59 7.37
N ASN A 95 -2.52 -13.55 7.82
CA ASN A 95 -2.05 -14.71 8.57
C ASN A 95 -1.01 -15.52 7.82
N VAL A 96 -1.15 -15.61 6.50
CA VAL A 96 -0.23 -16.39 5.68
C VAL A 96 1.14 -15.68 5.51
N TYR A 97 1.09 -14.40 5.18
CA TYR A 97 2.25 -13.64 4.75
C TYR A 97 2.88 -12.77 5.82
N CYS A 98 2.21 -12.62 6.96
CA CYS A 98 2.69 -11.74 8.04
C CYS A 98 2.96 -12.58 9.29
N MET B 1 -4.06 2.26 6.81
CA MET B 1 -2.55 2.24 6.78
C MET B 1 -1.91 1.09 7.56
N THR B 2 -2.50 0.65 8.68
CA THR B 2 -1.87 -0.45 9.49
C THR B 2 -1.91 -1.75 8.72
N GLU B 3 -3.09 -2.00 8.18
CA GLU B 3 -3.38 -3.16 7.33
C GLU B 3 -2.46 -3.18 6.11
N LEU B 4 -2.37 -2.01 5.44
CA LEU B 4 -1.54 -1.85 4.24
C LEU B 4 -0.06 -2.06 4.58
N ALA B 5 0.35 -1.49 5.70
CA ALA B 5 1.71 -1.63 6.23
C ALA B 5 2.01 -3.12 6.46
N GLN B 6 1.01 -3.84 6.99
CA GLN B 6 1.16 -5.29 7.20
C GLN B 6 1.51 -5.98 5.88
N LEU B 7 0.67 -5.82 4.87
CA LEU B 7 0.68 -6.71 3.72
C LEU B 7 1.44 -6.23 2.49
N GLN B 8 1.84 -4.95 2.41
CA GLN B 8 2.33 -4.46 1.11
C GLN B 8 3.56 -5.10 0.59
N ALA B 9 4.47 -5.49 1.47
CA ALA B 9 5.72 -6.15 1.06
C ALA B 9 5.47 -7.48 0.40
N SER B 10 4.31 -8.10 0.67
CA SER B 10 3.94 -9.41 0.15
C SER B 10 2.85 -9.34 -0.95
N ALA B 11 2.55 -8.14 -1.46
CA ALA B 11 1.38 -7.97 -2.31
C ALA B 11 1.51 -8.68 -3.69
N GLU B 12 2.71 -8.70 -4.27
CA GLU B 12 2.85 -9.36 -5.57
C GLU B 12 2.74 -10.89 -5.43
N GLN B 13 3.31 -11.44 -4.34
CA GLN B 13 3.24 -12.87 -4.00
C GLN B 13 1.78 -13.30 -3.74
N ALA B 14 1.07 -12.58 -2.87
CA ALA B 14 -0.38 -12.84 -2.58
C ALA B 14 -1.18 -12.80 -3.86
N ALA B 15 -0.98 -11.77 -4.68
CA ALA B 15 -1.79 -11.57 -5.89
C ALA B 15 -1.55 -12.70 -6.89
N ALA B 16 -0.31 -13.10 -6.99
CA ALA B 16 0.13 -14.29 -7.75
C ALA B 16 -0.51 -15.65 -7.32
N LEU B 17 -0.55 -15.91 -6.02
CA LEU B 17 -1.28 -17.00 -5.45
C LEU B 17 -2.77 -16.92 -5.84
N LEU B 18 -3.40 -15.75 -5.59
CA LEU B 18 -4.81 -15.63 -5.90
C LEU B 18 -5.07 -15.82 -7.36
N LYS B 19 -4.19 -15.29 -8.21
CA LYS B 19 -4.37 -15.45 -9.65
C LYS B 19 -4.32 -16.93 -10.04
N ALA B 20 -3.35 -17.68 -9.48
CA ALA B 20 -3.17 -19.06 -9.87
C ALA B 20 -4.34 -19.89 -9.43
N MET B 21 -5.02 -19.46 -8.36
CA MET B 21 -6.24 -20.12 -7.85
C MET B 21 -7.54 -19.67 -8.53
N SER B 22 -7.50 -18.77 -9.48
CA SER B 22 -8.73 -18.04 -9.82
C SER B 22 -9.47 -18.65 -11.00
N HIS B 23 -9.55 -19.97 -11.00
CA HIS B 23 -10.15 -20.73 -12.09
C HIS B 23 -10.96 -21.74 -11.39
N PRO B 24 -12.27 -21.87 -11.76
CA PRO B 24 -13.13 -22.76 -11.02
C PRO B 24 -12.66 -24.22 -11.03
N LYS B 25 -12.13 -24.69 -12.12
CA LYS B 25 -11.67 -26.11 -12.20
C LYS B 25 -10.38 -26.34 -11.38
N ARG B 26 -9.50 -25.35 -11.32
CA ARG B 26 -8.38 -25.38 -10.35
C ARG B 26 -8.86 -25.36 -8.89
N LEU B 27 -9.91 -24.59 -8.57
CA LEU B 27 -10.52 -24.75 -7.24
C LEU B 27 -11.06 -26.08 -6.97
N LEU B 28 -11.69 -26.76 -7.94
CA LEU B 28 -12.20 -28.04 -7.64
C LEU B 28 -11.03 -28.97 -7.32
N ILE B 29 -10.04 -28.86 -8.15
CA ILE B 29 -8.87 -29.75 -8.00
C ILE B 29 -8.19 -29.44 -6.65
N LEU B 30 -7.96 -28.16 -6.36
CA LEU B 30 -7.34 -27.80 -5.08
C LEU B 30 -8.21 -28.27 -3.89
N CYS B 31 -9.54 -28.20 -4.00
CA CYS B 31 -10.43 -28.71 -2.96
C CYS B 31 -10.29 -30.19 -2.74
N MET B 32 -10.33 -30.95 -3.84
CA MET B 32 -10.09 -32.40 -3.74
C MET B 32 -8.71 -32.75 -3.18
N LEU B 33 -7.67 -32.06 -3.60
CA LEU B 33 -6.32 -32.41 -3.06
C LEU B 33 -6.19 -32.00 -1.58
N SER B 34 -6.87 -30.90 -1.15
CA SER B 34 -6.67 -30.32 0.20
C SER B 34 -6.90 -31.42 1.21
N GLY B 35 -5.93 -31.70 2.08
CA GLY B 35 -6.10 -32.72 3.11
C GLY B 35 -5.90 -34.14 2.62
N SER B 36 -5.49 -34.30 1.37
CA SER B 36 -5.36 -35.64 0.77
C SER B 36 -3.91 -35.97 0.51
N PRO B 37 -3.54 -37.20 0.74
CA PRO B 37 -2.13 -37.53 0.63
C PRO B 37 -1.54 -37.71 -0.80
N GLY B 38 -2.37 -37.70 -1.83
CA GLY B 38 -1.87 -38.10 -3.12
C GLY B 38 -3.09 -38.55 -3.92
N THR B 39 -3.51 -37.74 -4.86
CA THR B 39 -4.60 -38.10 -5.72
C THR B 39 -4.08 -38.23 -7.14
N SER B 40 -4.58 -39.20 -7.89
CA SER B 40 -4.20 -39.36 -9.29
C SER B 40 -4.94 -38.38 -10.23
N ALA B 41 -4.33 -38.16 -11.40
CA ALA B 41 -4.94 -37.37 -12.49
C ALA B 41 -6.32 -37.93 -12.92
N GLY B 42 -6.39 -39.24 -13.11
CA GLY B 42 -7.65 -39.84 -13.55
C GLY B 42 -8.80 -39.51 -12.61
N GLU B 43 -8.52 -39.51 -11.30
CA GLU B 43 -9.57 -39.16 -10.30
C GLU B 43 -10.01 -37.72 -10.43
N LEU B 44 -9.04 -36.86 -10.70
CA LEU B 44 -9.29 -35.42 -10.82
C LEU B 44 -10.08 -35.10 -12.12
N THR B 45 -9.76 -35.79 -13.20
CA THR B 45 -10.55 -35.75 -14.44
C THR B 45 -12.04 -36.10 -14.20
N ARG B 46 -12.30 -37.15 -13.44
CA ARG B 46 -13.67 -37.46 -13.05
C ARG B 46 -14.28 -36.30 -12.27
N ILE B 47 -13.68 -35.86 -11.16
CA ILE B 47 -14.33 -34.77 -10.37
C ILE B 47 -14.50 -33.42 -11.06
N THR B 48 -13.68 -33.11 -12.05
CA THR B 48 -13.79 -31.80 -12.69
C THR B 48 -14.63 -31.87 -13.95
N GLY B 49 -14.83 -33.08 -14.46
CA GLY B 49 -15.53 -33.29 -15.72
C GLY B 49 -14.77 -32.75 -16.93
N LEU B 50 -13.48 -32.45 -16.77
CA LEU B 50 -12.64 -32.05 -17.88
C LEU B 50 -12.07 -33.26 -18.59
N SER B 51 -11.59 -33.02 -19.80
CA SER B 51 -10.82 -33.99 -20.52
C SER B 51 -9.59 -34.32 -19.71
N ALA B 52 -8.94 -35.44 -20.04
CA ALA B 52 -7.71 -35.82 -19.38
C ALA B 52 -6.62 -34.78 -19.65
N SER B 53 -6.56 -34.31 -20.90
CA SER B 53 -5.52 -33.36 -21.29
C SER B 53 -5.66 -32.01 -20.57
N ALA B 54 -6.89 -31.51 -20.43
CA ALA B 54 -7.16 -30.28 -19.68
C ALA B 54 -6.78 -30.46 -18.20
N THR B 55 -7.09 -31.63 -17.65
CA THR B 55 -6.76 -31.91 -16.26
C THR B 55 -5.25 -31.89 -16.09
N SER B 56 -4.54 -32.50 -17.03
CA SER B 56 -3.09 -32.58 -16.95
C SER B 56 -2.39 -31.24 -17.14
N GLN B 57 -2.99 -30.34 -17.90
CA GLN B 57 -2.48 -29.00 -18.10
C GLN B 57 -2.66 -28.20 -16.84
N HIS B 58 -3.87 -28.19 -16.29
CA HIS B 58 -4.08 -27.58 -14.99
C HIS B 58 -3.04 -28.08 -14.01
N LEU B 59 -2.80 -29.40 -13.94
CA LEU B 59 -1.85 -29.90 -12.97
C LEU B 59 -0.43 -29.44 -13.26
N ALA B 60 -0.02 -29.52 -14.52
CA ALA B 60 1.38 -29.13 -14.85
C ALA B 60 1.64 -27.66 -14.51
N ARG B 61 0.65 -26.81 -14.77
CA ARG B 61 0.77 -25.38 -14.49
C ARG B 61 0.77 -25.09 -12.99
N MET B 62 -0.16 -25.71 -12.26
CA MET B 62 -0.21 -25.56 -10.81
C MET B 62 1.08 -25.97 -10.10
N ARG B 63 1.74 -27.03 -10.56
CA ARG B 63 2.98 -27.45 -9.96
C ARG B 63 4.10 -26.41 -10.23
N ASP B 64 4.16 -25.94 -11.47
CA ASP B 64 5.15 -24.95 -11.90
C ASP B 64 4.97 -23.66 -11.13
N GLU B 65 3.75 -23.35 -10.69
CA GLU B 65 3.49 -22.14 -9.93
C GLU B 65 3.62 -22.34 -8.46
N GLY B 66 3.80 -23.60 -8.07
CA GLY B 66 4.21 -23.89 -6.71
C GLY B 66 3.07 -24.21 -5.80
N LEU B 67 1.90 -24.43 -6.39
CA LEU B 67 0.71 -24.73 -5.60
C LEU B 67 0.69 -26.20 -5.11
N ILE B 68 1.18 -27.09 -5.97
CA ILE B 68 1.01 -28.54 -5.78
C ILE B 68 2.34 -29.16 -6.08
N ASP B 69 2.55 -30.39 -5.62
CA ASP B 69 3.67 -31.18 -6.03
C ASP B 69 3.20 -32.59 -6.34
N SER B 70 4.10 -33.44 -6.78
CA SER B 70 3.68 -34.71 -7.37
C SER B 70 4.70 -35.72 -6.84
N GLN B 71 4.22 -36.96 -6.68
CA GLN B 71 5.04 -38.07 -6.21
C GLN B 71 4.92 -39.12 -7.31
N ARG B 72 6.04 -39.58 -7.83
CA ARG B 72 6.05 -40.55 -8.92
C ARG B 72 6.75 -41.85 -8.60
N ASP B 73 6.15 -42.97 -8.99
CA ASP B 73 6.80 -44.24 -9.01
C ASP B 73 6.65 -44.96 -10.36
N ALA B 74 6.95 -46.24 -10.42
CA ALA B 74 6.99 -46.97 -11.68
C ALA B 74 5.60 -47.06 -12.26
N GLN B 75 4.59 -47.02 -11.42
CA GLN B 75 3.25 -47.15 -11.89
C GLN B 75 2.47 -45.86 -12.15
N ARG B 76 2.67 -44.80 -11.38
CA ARG B 76 1.85 -43.60 -11.51
C ARG B 76 2.38 -42.37 -10.78
N ILE B 77 1.69 -41.28 -11.05
CA ILE B 77 1.93 -40.01 -10.50
C ILE B 77 0.74 -39.54 -9.68
N LEU B 78 1.04 -39.05 -8.49
CA LEU B 78 0.04 -38.59 -7.57
C LEU B 78 0.39 -37.19 -7.15
N TYR B 79 -0.64 -36.41 -6.92
CA TYR B 79 -0.56 -34.97 -6.62
C TYR B 79 -1.06 -34.65 -5.23
N SER B 80 -0.49 -33.57 -4.63
CA SER B 80 -0.76 -33.18 -3.25
C SER B 80 -0.59 -31.65 -3.22
N ILE B 81 -1.12 -31.02 -2.19
CA ILE B 81 -0.91 -29.53 -2.01
C ILE B 81 0.47 -29.23 -1.51
N LYS B 82 1.19 -28.32 -2.15
CA LYS B 82 2.58 -27.93 -1.73
C LYS B 82 2.49 -26.63 -0.86
N ASN B 83 1.78 -25.66 -1.37
CA ASN B 83 1.72 -24.37 -0.75
C ASN B 83 0.60 -24.38 0.26
N GLU B 84 0.97 -24.34 1.52
CA GLU B 84 -0.02 -24.26 2.56
C GLU B 84 -0.98 -23.03 2.51
N ALA B 85 -0.53 -21.95 1.90
CA ALA B 85 -1.41 -20.83 1.64
C ALA B 85 -2.68 -21.26 0.85
N VAL B 86 -2.54 -22.25 -0.03
CA VAL B 86 -3.71 -22.74 -0.78
C VAL B 86 -4.74 -23.29 0.17
N ASN B 87 -4.28 -24.17 1.06
CA ASN B 87 -5.18 -24.73 2.07
C ASN B 87 -5.81 -23.63 2.96
N ALA B 88 -5.07 -22.60 3.30
CA ALA B 88 -5.67 -21.53 4.06
C ALA B 88 -6.77 -20.80 3.27
N ILE B 89 -6.49 -20.52 1.99
CA ILE B 89 -7.47 -19.79 1.19
C ILE B 89 -8.70 -20.68 0.95
N ILE B 90 -8.51 -22.00 0.68
CA ILE B 90 -9.66 -22.95 0.54
C ILE B 90 -10.58 -23.00 1.76
N ALA B 91 -10.02 -23.08 2.98
CA ALA B 91 -10.83 -22.99 4.23
C ALA B 91 -11.62 -21.69 4.40
N THR B 92 -11.01 -20.54 4.06
CA THR B 92 -11.75 -19.30 4.09
C THR B 92 -12.93 -19.29 3.12
N LEU B 93 -12.71 -19.76 1.90
CA LEU B 93 -13.74 -19.77 0.90
C LEU B 93 -14.92 -20.66 1.38
N LYS B 94 -14.59 -21.79 1.98
CA LYS B 94 -15.57 -22.61 2.69
C LYS B 94 -16.39 -21.86 3.70
N ASN B 95 -15.72 -21.14 4.57
CA ASN B 95 -16.38 -20.37 5.59
C ASN B 95 -17.22 -19.25 4.97
N VAL B 96 -16.79 -18.70 3.83
CA VAL B 96 -17.57 -17.70 3.12
C VAL B 96 -18.81 -18.28 2.38
N TYR B 97 -18.64 -19.37 1.65
CA TYR B 97 -19.67 -19.84 0.76
C TYR B 97 -20.63 -20.85 1.41
N CYS B 98 -20.29 -21.30 2.62
CA CYS B 98 -21.20 -22.08 3.45
C CYS B 98 -21.61 -21.23 4.63
N GLU C 3 13.39 -7.17 6.85
CA GLU C 3 13.40 -5.82 7.47
C GLU C 3 13.00 -4.77 6.47
N LEU C 4 13.18 -5.10 5.18
CA LEU C 4 13.45 -4.09 4.15
C LEU C 4 12.81 -4.25 2.76
N ALA C 5 12.08 -5.34 2.53
CA ALA C 5 11.02 -5.36 1.51
C ALA C 5 9.93 -4.37 1.95
N GLN C 6 9.77 -4.34 3.29
CA GLN C 6 8.80 -3.52 3.96
C GLN C 6 9.14 -2.02 3.99
N LEU C 7 10.43 -1.69 4.11
CA LEU C 7 10.84 -0.28 4.10
C LEU C 7 11.18 0.19 2.67
N GLN C 8 11.45 -0.74 1.77
CA GLN C 8 11.40 -0.40 0.35
C GLN C 8 9.95 0.02 -0.04
N ALA C 9 8.94 -0.65 0.51
CA ALA C 9 7.52 -0.23 0.27
C ALA C 9 7.16 1.07 0.99
N SER C 10 7.45 1.13 2.29
CA SER C 10 7.22 2.34 3.09
C SER C 10 8.00 3.57 2.55
N ALA C 11 9.22 3.33 2.05
CA ALA C 11 9.98 4.34 1.32
C ALA C 11 9.19 5.13 0.26
N GLU C 12 8.51 4.46 -0.68
CA GLU C 12 8.06 5.19 -1.87
C GLU C 12 6.71 5.92 -1.66
N GLN C 13 5.99 5.53 -0.62
CA GLN C 13 4.80 6.30 -0.27
C GLN C 13 5.10 7.41 0.67
N ALA C 14 6.02 7.17 1.61
CA ALA C 14 6.60 8.25 2.40
C ALA C 14 6.96 9.37 1.41
N ALA C 15 7.59 9.00 0.30
CA ALA C 15 7.92 9.90 -0.78
C ALA C 15 6.69 10.55 -1.44
N ALA C 16 5.70 9.72 -1.80
CA ALA C 16 4.45 10.27 -2.24
C ALA C 16 3.87 11.26 -1.23
N LEU C 17 3.91 10.91 0.06
CA LEU C 17 3.31 11.83 1.05
C LEU C 17 4.08 13.17 1.05
N LEU C 18 5.38 13.10 1.24
CA LEU C 18 6.23 14.27 1.21
C LEU C 18 6.05 15.07 -0.07
N LYS C 19 5.95 14.38 -1.21
CA LYS C 19 5.72 15.06 -2.50
C LYS C 19 4.39 15.79 -2.54
N ALA C 20 3.34 15.14 -2.04
CA ALA C 20 2.05 15.77 -1.97
C ALA C 20 2.10 16.96 -1.01
N MET C 21 2.93 16.90 0.03
CA MET C 21 3.00 17.97 1.00
C MET C 21 3.89 19.14 0.54
N SER C 22 4.75 18.90 -0.46
CA SER C 22 5.80 19.87 -0.77
C SER C 22 5.40 20.90 -1.85
N HIS C 23 4.25 21.54 -1.69
CA HIS C 23 3.86 22.71 -2.48
C HIS C 23 3.85 23.85 -1.45
N PRO C 24 4.48 25.00 -1.77
CA PRO C 24 4.50 26.09 -0.77
C PRO C 24 3.12 26.55 -0.30
N LYS C 25 2.12 26.56 -1.20
CA LYS C 25 0.79 26.99 -0.82
C LYS C 25 0.06 25.99 0.06
N ARG C 26 0.15 24.71 -0.30
CA ARG C 26 -0.31 23.62 0.54
C ARG C 26 0.29 23.74 1.89
N LEU C 27 1.61 23.89 1.97
CA LEU C 27 2.21 23.92 3.30
C LEU C 27 1.80 25.16 4.12
N LEU C 28 1.64 26.28 3.45
CA LEU C 28 1.11 27.45 4.15
C LEU C 28 -0.28 27.10 4.69
N ILE C 29 -1.06 26.40 3.87
CA ILE C 29 -2.43 26.07 4.30
C ILE C 29 -2.41 25.09 5.46
N LEU C 30 -1.56 24.07 5.36
CA LEU C 30 -1.44 23.08 6.38
C LEU C 30 -0.97 23.61 7.71
N CYS C 31 0.13 24.39 7.70
CA CYS C 31 0.55 25.09 8.88
C CYS C 31 -0.60 25.97 9.39
N MET C 32 -1.26 26.71 8.49
CA MET C 32 -2.34 27.62 8.95
C MET C 32 -3.52 26.80 9.52
N LEU C 33 -3.77 25.61 8.96
CA LEU C 33 -4.79 24.68 9.46
C LEU C 33 -4.43 23.96 10.75
N SER C 34 -3.15 23.73 10.97
CA SER C 34 -2.72 22.83 12.04
C SER C 34 -3.08 23.34 13.44
N GLY C 35 -3.28 22.41 14.37
CA GLY C 35 -3.59 22.72 15.77
C GLY C 35 -5.01 23.21 16.03
N SER C 36 -5.63 23.78 15.00
CA SER C 36 -6.99 24.29 15.11
C SER C 36 -7.92 23.62 14.10
N PRO C 37 -8.49 22.49 14.50
CA PRO C 37 -9.40 21.74 13.62
C PRO C 37 -10.68 22.51 13.34
N GLY C 38 -11.41 22.10 12.31
CA GLY C 38 -12.66 22.77 11.94
C GLY C 38 -12.44 24.21 11.53
N THR C 39 -12.02 24.41 10.29
CA THR C 39 -11.78 25.75 9.76
C THR C 39 -12.23 25.82 8.29
N SER C 40 -12.86 26.92 7.88
CA SER C 40 -13.45 27.07 6.54
C SER C 40 -12.49 27.64 5.51
N ALA C 41 -12.85 27.46 4.24
CA ALA C 41 -12.06 27.98 3.11
C ALA C 41 -11.95 29.52 3.14
N GLY C 42 -13.06 30.18 3.45
CA GLY C 42 -13.10 31.63 3.54
C GLY C 42 -12.15 32.17 4.60
N GLU C 43 -12.21 31.58 5.80
CA GLU C 43 -11.28 32.02 6.82
C GLU C 43 -9.85 31.67 6.40
N LEU C 44 -9.64 30.50 5.80
CA LEU C 44 -8.29 30.13 5.35
C LEU C 44 -7.73 31.04 4.24
N THR C 45 -8.59 31.58 3.37
CA THR C 45 -8.10 32.56 2.38
C THR C 45 -7.76 33.84 3.12
N ARG C 46 -8.49 34.10 4.20
CA ARG C 46 -8.32 35.31 5.01
C ARG C 46 -6.97 35.35 5.70
N ILE C 47 -6.56 34.23 6.29
CA ILE C 47 -5.37 34.20 7.12
C ILE C 47 -4.13 33.93 6.27
N THR C 48 -4.26 33.13 5.20
CA THR C 48 -3.09 32.88 4.35
C THR C 48 -2.77 34.10 3.48
N GLY C 49 -3.80 34.89 3.15
CA GLY C 49 -3.64 35.92 2.12
C GLY C 49 -3.52 35.33 0.72
N LEU C 50 -4.02 34.11 0.55
CA LEU C 50 -4.23 33.55 -0.78
C LEU C 50 -5.58 34.11 -1.26
N SER C 51 -5.77 33.95 -2.59
CA SER C 51 -7.08 34.18 -3.18
C SER C 51 -8.03 33.07 -2.79
N ALA C 52 -9.33 33.39 -2.75
CA ALA C 52 -10.36 32.38 -2.46
C ALA C 52 -10.43 31.26 -3.52
N SER C 53 -9.88 31.52 -4.71
CA SER C 53 -9.96 30.60 -5.84
C SER C 53 -8.92 29.46 -5.77
N ALA C 54 -7.67 29.83 -5.52
CA ALA C 54 -6.59 28.85 -5.33
C ALA C 54 -6.68 28.20 -3.96
N THR C 55 -7.33 28.87 -3.01
CA THR C 55 -7.52 28.34 -1.67
C THR C 55 -8.60 27.26 -1.69
N SER C 56 -9.76 27.61 -2.26
CA SER C 56 -10.78 26.61 -2.65
C SER C 56 -10.15 25.35 -3.23
N GLN C 57 -9.39 25.55 -4.30
CA GLN C 57 -8.90 24.46 -5.15
C GLN C 57 -7.78 23.59 -4.50
N HIS C 58 -6.97 24.18 -3.62
CA HIS C 58 -5.95 23.43 -2.87
C HIS C 58 -6.61 22.64 -1.79
N LEU C 59 -7.63 23.22 -1.14
CA LEU C 59 -8.37 22.53 -0.10
C LEU C 59 -9.08 21.32 -0.69
N ALA C 60 -9.83 21.53 -1.77
CA ALA C 60 -10.42 20.41 -2.51
C ALA C 60 -9.39 19.34 -2.92
N ARG C 61 -8.23 19.76 -3.39
CA ARG C 61 -7.24 18.79 -3.83
C ARG C 61 -6.65 18.03 -2.64
N MET C 62 -6.31 18.76 -1.58
CA MET C 62 -5.72 18.17 -0.38
C MET C 62 -6.66 17.20 0.33
N ARG C 63 -7.94 17.51 0.30
CA ARG C 63 -8.98 16.62 0.76
C ARG C 63 -9.07 15.35 -0.11
N ASP C 64 -9.02 15.50 -1.44
CA ASP C 64 -9.16 14.38 -2.37
C ASP C 64 -7.99 13.38 -2.15
N GLU C 65 -6.85 13.94 -1.81
CA GLU C 65 -5.64 13.19 -1.57
C GLU C 65 -5.53 12.62 -0.16
N GLY C 66 -6.41 13.03 0.72
CA GLY C 66 -6.48 12.51 2.07
C GLY C 66 -5.52 13.20 3.00
N LEU C 67 -4.99 14.36 2.62
CA LEU C 67 -4.10 15.08 3.50
C LEU C 67 -4.91 15.73 4.61
N ILE C 68 -6.09 16.21 4.23
CA ILE C 68 -6.96 16.87 5.14
C ILE C 68 -8.31 16.22 5.04
N ASP C 69 -9.15 16.44 6.01
CA ASP C 69 -10.54 16.10 5.74
C ASP C 69 -11.48 17.11 6.28
N SER C 70 -12.73 16.89 5.89
CA SER C 70 -13.83 17.85 5.97
C SER C 70 -15.04 17.21 6.64
N GLN C 71 -15.75 17.97 7.47
CA GLN C 71 -17.08 17.62 7.96
C GLN C 71 -17.98 18.80 7.64
N ARG C 72 -19.26 18.51 7.35
CA ARG C 72 -20.29 19.54 7.07
C ARG C 72 -20.87 20.07 8.38
N ASP C 73 -20.80 21.38 8.57
CA ASP C 73 -21.33 22.07 9.76
C ASP C 73 -22.23 23.22 9.34
N ALA C 74 -23.56 23.04 9.48
CA ALA C 74 -24.52 24.15 9.28
C ALA C 74 -24.23 25.06 8.06
N GLN C 75 -24.05 24.37 6.93
CA GLN C 75 -23.87 24.91 5.58
C GLN C 75 -22.43 25.25 5.22
N ARG C 76 -21.57 25.14 6.22
CA ARG C 76 -20.14 25.40 6.03
C ARG C 76 -19.38 24.07 6.03
N ILE C 77 -18.33 24.00 5.22
CA ILE C 77 -17.44 22.84 5.21
C ILE C 77 -16.23 23.22 6.04
N LEU C 78 -15.97 22.43 7.08
CA LEU C 78 -14.88 22.72 8.02
C LEU C 78 -13.78 21.69 7.87
N TYR C 79 -12.57 22.19 7.64
CA TYR C 79 -11.43 21.32 7.34
C TYR C 79 -10.60 21.15 8.58
N SER C 80 -10.12 19.93 8.78
CA SER C 80 -9.04 19.67 9.71
C SER C 80 -7.99 18.73 9.09
N ILE C 81 -6.87 18.60 9.81
CA ILE C 81 -5.90 17.54 9.55
C ILE C 81 -6.19 16.41 10.53
N LYS C 82 -6.60 15.25 10.03
CA LYS C 82 -6.74 14.10 10.89
C LYS C 82 -5.60 13.09 10.68
N ASN C 83 -4.98 13.10 9.50
CA ASN C 83 -3.84 12.22 9.21
C ASN C 83 -2.71 12.45 10.19
N GLU C 84 -2.35 11.42 10.95
CA GLU C 84 -1.31 11.52 12.00
C GLU C 84 0.02 12.01 11.50
N ALA C 85 0.41 11.50 10.34
CA ALA C 85 1.75 11.70 9.79
C ALA C 85 1.88 13.12 9.27
N VAL C 86 0.83 13.65 8.61
CA VAL C 86 0.87 15.05 8.21
C VAL C 86 0.77 15.94 9.46
N ASN C 87 -0.07 15.58 10.43
CA ASN C 87 -0.13 16.31 11.73
C ASN C 87 1.26 16.35 12.27
N ALA C 88 1.86 15.17 12.39
CA ALA C 88 3.21 15.04 12.94
C ALA C 88 4.30 15.84 12.19
N ILE C 89 4.28 15.82 10.85
CA ILE C 89 5.28 16.50 10.03
C ILE C 89 5.10 18.00 10.09
N ILE C 90 3.83 18.42 10.15
CA ILE C 90 3.55 19.82 10.22
C ILE C 90 3.93 20.37 11.60
N ALA C 91 3.67 19.62 12.67
CA ALA C 91 4.15 20.03 13.99
C ALA C 91 5.62 20.43 13.85
N THR C 92 6.45 19.45 13.47
CA THR C 92 7.88 19.63 13.26
C THR C 92 8.20 20.85 12.40
N LEU C 93 7.63 20.91 11.20
CA LEU C 93 7.94 22.03 10.29
C LEU C 93 7.69 23.39 10.95
N LYS C 94 6.58 23.48 11.68
CA LYS C 94 6.15 24.72 12.32
C LYS C 94 7.07 24.98 13.51
N ASN C 95 7.43 23.92 14.21
CA ASN C 95 8.39 24.00 15.28
C ASN C 95 9.75 24.60 14.79
N VAL C 96 10.32 23.99 13.76
CA VAL C 96 11.61 24.38 13.18
C VAL C 96 11.63 25.65 12.32
N TYR C 97 10.62 25.82 11.48
CA TYR C 97 10.54 26.95 10.57
C TYR C 97 9.55 27.89 11.20
N GLU D 3 2.13 39.04 10.87
CA GLU D 3 2.54 37.70 11.38
C GLU D 3 2.70 36.74 10.23
N LEU D 4 1.84 36.88 9.20
CA LEU D 4 1.77 35.94 8.07
C LEU D 4 3.11 35.83 7.36
N ALA D 5 3.67 36.97 6.99
CA ALA D 5 4.94 37.02 6.22
C ALA D 5 6.00 36.05 6.75
N GLN D 6 6.06 35.91 8.09
CA GLN D 6 6.96 35.01 8.84
C GLN D 6 6.49 33.58 8.64
N LEU D 7 5.24 33.35 9.04
CA LEU D 7 4.53 32.11 8.74
C LEU D 7 4.72 31.73 7.26
N GLN D 8 4.41 32.65 6.37
CA GLN D 8 4.55 32.42 4.94
C GLN D 8 5.96 32.08 4.51
N ALA D 9 6.90 33.02 4.73
CA ALA D 9 8.33 32.80 4.39
C ALA D 9 8.81 31.43 4.90
N SER D 10 8.51 31.13 6.16
CA SER D 10 8.82 29.82 6.77
C SER D 10 8.24 28.60 6.03
N ALA D 11 7.08 28.78 5.42
CA ALA D 11 6.37 27.74 4.67
C ALA D 11 7.10 27.41 3.37
N GLU D 12 7.67 28.44 2.71
CA GLU D 12 8.48 28.18 1.51
C GLU D 12 9.86 27.62 1.93
N GLN D 13 10.28 27.85 3.18
CA GLN D 13 11.51 27.19 3.65
C GLN D 13 11.19 25.73 3.86
N ALA D 14 10.02 25.47 4.44
CA ALA D 14 9.61 24.10 4.70
C ALA D 14 9.36 23.30 3.40
N ALA D 15 8.70 23.88 2.42
CA ALA D 15 8.55 23.22 1.12
C ALA D 15 9.87 22.76 0.55
N ALA D 16 10.85 23.65 0.57
CA ALA D 16 12.19 23.35 0.06
C ALA D 16 12.75 22.05 0.67
N LEU D 17 12.76 21.99 2.00
CA LEU D 17 13.26 20.79 2.66
C LEU D 17 12.49 19.53 2.25
N LEU D 18 11.17 19.63 2.26
CA LEU D 18 10.30 18.51 1.87
C LEU D 18 10.60 17.94 0.49
N LYS D 19 10.85 18.82 -0.49
CA LYS D 19 11.16 18.39 -1.89
C LYS D 19 12.52 17.69 -2.00
N ALA D 20 13.52 18.25 -1.31
CA ALA D 20 14.80 17.61 -1.10
C ALA D 20 14.64 16.24 -0.48
N MET D 21 13.70 16.07 0.45
CA MET D 21 13.55 14.76 1.09
C MET D 21 12.70 13.76 0.26
N SER D 22 11.96 14.21 -0.77
CA SER D 22 10.92 13.37 -1.40
C SER D 22 11.39 12.26 -2.34
N HIS D 23 12.61 12.26 -2.82
CA HIS D 23 13.01 11.15 -3.65
C HIS D 23 12.97 9.84 -2.86
N PRO D 24 12.22 8.84 -3.32
CA PRO D 24 12.14 7.55 -2.58
C PRO D 24 13.50 6.90 -2.20
N LYS D 25 14.53 7.16 -2.98
CA LYS D 25 15.82 6.58 -2.70
C LYS D 25 16.60 7.40 -1.64
N ARG D 26 16.42 8.73 -1.65
CA ARG D 26 16.87 9.53 -0.53
C ARG D 26 16.17 9.10 0.73
N LEU D 27 14.87 8.84 0.62
CA LEU D 27 14.12 8.50 1.83
C LEU D 27 14.49 7.15 2.40
N LEU D 28 14.66 6.15 1.53
CA LEU D 28 15.18 4.90 2.03
C LEU D 28 16.55 5.07 2.70
N ILE D 29 17.43 5.88 2.11
CA ILE D 29 18.74 6.13 2.73
C ILE D 29 18.55 6.79 4.10
N LEU D 30 17.71 7.83 4.15
CA LEU D 30 17.46 8.54 5.40
C LEU D 30 16.78 7.69 6.46
N CYS D 31 15.87 6.79 6.07
CA CYS D 31 15.22 5.91 7.03
C CYS D 31 16.22 4.94 7.61
N MET D 32 17.21 4.52 6.81
CA MET D 32 18.23 3.58 7.28
C MET D 32 19.32 4.23 8.13
N LEU D 33 19.51 5.55 8.01
CA LEU D 33 20.47 6.29 8.81
C LEU D 33 19.87 6.72 10.15
N SER D 34 18.53 6.75 10.27
CA SER D 34 17.89 7.66 11.25
C SER D 34 18.46 7.49 12.68
N GLY D 35 19.04 8.55 13.24
CA GLY D 35 19.74 8.47 14.57
C GLY D 35 20.86 7.41 14.69
N SER D 36 20.63 6.25 14.06
CA SER D 36 21.63 5.17 13.85
C SER D 36 23.02 5.68 13.48
N PRO D 37 24.04 5.29 14.27
CA PRO D 37 25.27 6.10 14.27
C PRO D 37 25.85 6.06 12.87
N GLY D 38 26.90 6.81 12.64
CA GLY D 38 27.51 6.81 11.33
C GLY D 38 27.31 5.50 10.58
N THR D 39 27.02 5.59 9.28
CA THR D 39 26.95 4.40 8.43
C THR D 39 27.68 4.71 7.12
N SER D 40 28.25 3.69 6.50
CA SER D 40 29.13 3.86 5.34
C SER D 40 28.41 3.71 4.02
N ALA D 41 28.94 4.39 3.01
CA ALA D 41 28.42 4.29 1.63
C ALA D 41 28.28 2.82 1.18
N GLY D 42 29.31 2.03 1.46
CA GLY D 42 29.26 0.60 1.20
C GLY D 42 28.19 -0.08 2.02
N GLU D 43 28.18 0.15 3.33
CA GLU D 43 27.15 -0.46 4.16
C GLU D 43 25.76 -0.07 3.66
N LEU D 44 25.48 1.23 3.63
CA LEU D 44 24.19 1.77 3.16
C LEU D 44 23.76 1.17 1.83
N THR D 45 24.71 0.98 0.93
CA THR D 45 24.45 0.29 -0.34
C THR D 45 23.99 -1.17 -0.11
N ARG D 46 24.58 -1.83 0.90
CA ARG D 46 24.11 -3.17 1.31
C ARG D 46 22.70 -3.15 1.92
N ILE D 47 22.56 -2.52 3.08
CA ILE D 47 21.31 -2.57 3.84
C ILE D 47 20.16 -1.72 3.29
N THR D 48 20.38 -1.03 2.15
CA THR D 48 19.28 -0.44 1.35
C THR D 48 19.17 -1.07 -0.06
N GLY D 49 19.97 -2.11 -0.35
CA GLY D 49 19.87 -2.84 -1.61
C GLY D 49 20.09 -2.02 -2.87
N LEU D 50 20.98 -1.04 -2.78
CA LEU D 50 21.13 0.01 -3.79
C LEU D 50 22.49 -0.16 -4.48
N SER D 51 22.72 0.56 -5.59
CA SER D 51 23.99 0.46 -6.35
C SER D 51 25.09 1.37 -5.79
N ALA D 52 26.29 0.79 -5.62
CA ALA D 52 27.40 1.45 -4.90
C ALA D 52 27.74 2.84 -5.45
N SER D 53 28.02 2.93 -6.74
CA SER D 53 28.33 4.21 -7.40
C SER D 53 27.01 4.97 -7.70
N ALA D 54 26.07 4.85 -6.78
CA ALA D 54 24.79 5.54 -6.85
C ALA D 54 24.50 6.08 -5.46
N THR D 55 24.86 5.30 -4.45
CA THR D 55 24.77 5.73 -3.06
C THR D 55 25.85 6.79 -2.85
N SER D 56 27.04 6.50 -3.35
CA SER D 56 28.12 7.47 -3.34
C SER D 56 27.61 8.82 -3.84
N GLN D 57 26.47 8.78 -4.52
CA GLN D 57 25.84 10.00 -5.04
C GLN D 57 24.88 10.59 -4.02
N HIS D 58 23.69 10.01 -3.92
CA HIS D 58 22.70 10.47 -2.95
C HIS D 58 23.30 10.97 -1.62
N LEU D 59 24.42 10.36 -1.21
CA LEU D 59 25.16 10.75 -0.02
C LEU D 59 25.95 12.05 -0.16
N ALA D 60 26.86 12.11 -1.13
CA ALA D 60 27.66 13.29 -1.35
C ALA D 60 26.74 14.51 -1.61
N ARG D 61 25.63 14.29 -2.32
CA ARG D 61 24.64 15.31 -2.58
C ARG D 61 23.80 15.71 -1.37
N MET D 62 23.29 14.74 -0.62
CA MET D 62 22.49 15.04 0.57
C MET D 62 23.37 15.72 1.61
N ARG D 63 24.67 15.42 1.58
CA ARG D 63 25.63 16.04 2.52
C ARG D 63 25.84 17.48 2.15
N ASP D 64 25.98 17.74 0.85
CA ASP D 64 26.15 19.10 0.36
C ASP D 64 24.94 19.99 0.76
N GLU D 65 23.76 19.41 0.70
CA GLU D 65 22.51 20.07 1.02
C GLU D 65 22.17 20.16 2.49
N GLY D 66 22.98 19.54 3.33
CA GLY D 66 22.87 19.64 4.75
C GLY D 66 21.78 18.78 5.33
N LEU D 67 21.30 17.79 4.55
CA LEU D 67 20.33 16.86 5.07
C LEU D 67 20.99 15.78 5.92
N ILE D 68 22.25 15.50 5.62
CA ILE D 68 23.02 14.57 6.39
C ILE D 68 24.41 15.14 6.53
N ASP D 69 25.20 14.58 7.41
CA ASP D 69 26.62 14.79 7.20
C ASP D 69 27.48 13.60 7.57
N SER D 70 28.78 13.83 7.62
CA SER D 70 29.75 12.75 7.63
C SER D 70 30.87 13.00 8.63
N GLN D 71 31.40 11.90 9.15
CA GLN D 71 32.59 11.93 9.94
C GLN D 71 33.42 10.73 9.57
N ARG D 72 34.70 10.86 9.87
CA ARG D 72 35.66 9.81 9.65
C ARG D 72 35.85 9.07 10.98
N ASP D 73 35.87 7.75 10.90
CA ASP D 73 35.91 6.89 12.07
C ASP D 73 36.62 5.61 11.65
N ALA D 74 37.64 5.19 12.38
CA ALA D 74 38.53 4.09 11.95
C ALA D 74 38.86 4.20 10.43
N GLN D 75 39.08 5.44 9.96
CA GLN D 75 39.42 5.77 8.57
C GLN D 75 38.30 5.63 7.56
N ARG D 76 37.07 5.54 8.03
CA ARG D 76 35.93 5.28 7.15
C ARG D 76 35.07 6.52 7.16
N ILE D 77 34.50 6.90 6.01
CA ILE D 77 33.56 8.02 5.94
C ILE D 77 32.17 7.52 6.37
N LEU D 78 31.73 8.01 7.52
CA LEU D 78 30.45 7.60 8.04
C LEU D 78 29.41 8.75 8.01
N TYR D 79 28.20 8.38 7.61
CA TYR D 79 27.10 9.33 7.46
C TYR D 79 26.07 9.19 8.56
N SER D 80 25.49 10.32 8.92
CA SER D 80 24.37 10.38 9.86
C SER D 80 23.53 11.64 9.59
N ILE D 81 22.33 11.69 10.17
CA ILE D 81 21.40 12.77 9.93
C ILE D 81 21.77 13.96 10.78
N LYS D 82 21.95 15.08 10.08
CA LYS D 82 22.40 16.33 10.67
C LYS D 82 21.19 17.09 11.21
N ASN D 83 20.21 17.25 10.34
CA ASN D 83 19.16 18.22 10.49
C ASN D 83 18.01 17.78 11.42
N GLU D 84 17.68 18.59 12.40
CA GLU D 84 16.65 18.23 13.39
C GLU D 84 15.32 17.92 12.74
N ALA D 85 14.86 18.90 11.93
CA ALA D 85 13.66 18.78 11.10
C ALA D 85 13.61 17.50 10.28
N VAL D 86 14.75 17.11 9.68
CA VAL D 86 14.88 15.87 8.94
C VAL D 86 14.78 14.68 9.87
N ASN D 87 15.45 14.75 11.04
CA ASN D 87 15.39 13.64 12.00
C ASN D 87 13.96 13.38 12.48
N ALA D 88 13.26 14.41 12.92
CA ALA D 88 11.88 14.29 13.33
C ALA D 88 11.03 13.68 12.21
N ILE D 89 11.06 14.29 11.03
CA ILE D 89 10.23 13.86 9.87
C ILE D 89 10.40 12.39 9.54
N ILE D 90 11.66 11.96 9.38
CA ILE D 90 12.00 10.56 9.09
C ILE D 90 11.59 9.61 10.21
N ALA D 91 11.74 10.09 11.45
CA ALA D 91 11.27 9.37 12.66
C ALA D 91 9.78 9.05 12.54
N THR D 92 8.96 10.11 12.48
CA THR D 92 7.53 10.01 12.22
C THR D 92 7.22 9.02 11.10
N LEU D 93 8.00 9.15 10.02
CA LEU D 93 7.73 8.44 8.81
C LEU D 93 7.76 6.90 8.91
N LYS D 94 8.43 6.30 9.91
CA LYS D 94 8.25 4.83 10.05
C LYS D 94 7.46 4.26 11.23
N ASN D 95 7.07 5.07 12.21
CA ASN D 95 5.93 4.67 13.04
C ASN D 95 4.62 5.16 12.45
N VAL D 96 4.67 5.62 11.20
CA VAL D 96 3.50 5.62 10.31
C VAL D 96 3.97 5.07 8.98
#